data_4XOE
#
_entry.id   4XOE
#
_cell.length_a   128.360
_cell.length_b   128.360
_cell.length_c   128.360
_cell.angle_alpha   90.00
_cell.angle_beta   90.00
_cell.angle_gamma   90.00
#
_symmetry.space_group_name_H-M   'P 21 3'
#
loop_
_entity.id
_entity.type
_entity.pdbx_description
1 polymer 'FimH protein'
2 polymer 'FimG protein'
3 non-polymer 'heptyl alpha-D-mannopyranoside'
4 non-polymer 'CACODYLATE ION'
5 water water
#
loop_
_entity_poly.entity_id
_entity_poly.type
_entity_poly.pdbx_seq_one_letter_code
_entity_poly.pdbx_strand_id
1 'polypeptide(L)'
;FACKTANGTAIPIGGGSANVYVNLAPAVNVGQNLVVDLSTQIFCHNDYPETITDYVTLQRGSAYGGVLSSFSGTVKYNGS
SYPFPTTSETPRVVYNSRTDKPWPVALYLTPVSSAGGVAIKAGSLIAVLILRQTNNYNSDDFQFVWNIYANNDVVVPTGG
CDVSARDVTVTLPDYPGSVPIPLTVYCAKSQNLGYYLSGTTADAGNSIFTNTASFSPAQGVGVQLTRNGTIIPANNTVSL
GAVGTSAVSLGLTANYARTGGQVTAGNVQSIIGVTFVYQ
;
A
2 'polypeptide(L)' ADVTITVNGKVVAK B
#
# COMPACT_ATOMS: atom_id res chain seq x y z
N PHE A 1 16.09 8.04 -32.00
CA PHE A 1 15.39 7.48 -30.81
C PHE A 1 15.21 8.54 -29.71
N ALA A 2 13.97 8.72 -29.30
CA ALA A 2 13.65 9.65 -28.22
C ALA A 2 12.41 9.16 -27.48
N CYS A 3 12.20 9.70 -26.28
CA CYS A 3 11.12 9.24 -25.41
C CYS A 3 10.33 10.42 -24.86
N LYS A 4 9.09 10.16 -24.45
CA LYS A 4 8.31 11.18 -23.79
C LYS A 4 7.34 10.58 -22.78
N THR A 5 6.90 11.39 -21.83
CA THR A 5 5.97 10.94 -20.81
C THR A 5 4.54 11.24 -21.22
N ALA A 6 3.60 10.68 -20.48
CA ALA A 6 2.17 10.88 -20.78
C ALA A 6 1.80 12.36 -20.76
N ASN A 7 2.51 13.15 -19.97
CA ASN A 7 2.22 14.58 -19.88
C ASN A 7 3.07 15.40 -20.85
N GLY A 8 3.72 14.70 -21.78
CA GLY A 8 4.43 15.35 -22.88
C GLY A 8 5.89 15.65 -22.60
N THR A 9 6.34 15.45 -21.37
CA THR A 9 7.74 15.69 -21.01
C THR A 9 8.64 14.77 -21.80
N ALA A 10 9.67 15.33 -22.43
CA ALA A 10 10.48 14.60 -23.38
C ALA A 10 11.94 14.48 -22.96
N ILE A 11 12.57 13.41 -23.42
CA ILE A 11 14.02 13.25 -23.37
C ILE A 11 14.47 13.02 -24.81
N PRO A 12 15.30 13.90 -25.36
CA PRO A 12 15.58 13.79 -26.79
C PRO A 12 16.66 12.77 -27.14
N ILE A 13 16.95 12.68 -28.44
CA ILE A 13 18.09 11.94 -28.96
C ILE A 13 19.34 12.20 -28.12
N GLY A 14 19.98 11.12 -27.69
CA GLY A 14 21.21 11.21 -26.91
C GLY A 14 21.00 11.01 -25.42
N GLY A 15 19.75 10.87 -25.02
CA GLY A 15 19.42 10.56 -23.64
C GLY A 15 19.33 11.79 -22.76
N GLY A 16 19.20 11.56 -21.45
CA GLY A 16 19.03 12.64 -20.50
C GLY A 16 18.19 12.19 -19.33
N SER A 17 17.47 13.13 -18.73
CA SER A 17 16.68 12.88 -17.53
C SER A 17 15.31 13.52 -17.62
N ALA A 18 14.34 12.91 -16.94
CA ALA A 18 12.99 13.48 -16.83
C ALA A 18 12.33 13.01 -15.54
N ASN A 19 11.49 13.89 -14.98
CA ASN A 19 10.69 13.55 -13.82
C ASN A 19 9.31 13.07 -14.24
N VAL A 20 8.87 11.96 -13.66
CA VAL A 20 7.58 11.36 -14.03
C VAL A 20 6.67 11.31 -12.82
N TYR A 21 5.61 12.11 -12.86
CA TYR A 21 4.62 12.14 -11.78
C TYR A 21 3.46 11.21 -12.12
N VAL A 22 3.21 10.25 -11.25
CA VAL A 22 2.24 9.20 -11.51
C VAL A 22 1.23 9.04 -10.37
N ASN A 23 -0.03 8.88 -10.75
CA ASN A 23 -1.06 8.52 -9.79
C ASN A 23 -0.99 7.03 -9.47
N LEU A 24 -0.68 6.72 -8.22
CA LEU A 24 -0.50 5.34 -7.82
C LEU A 24 -1.81 4.71 -7.38
N ALA A 25 -1.95 3.43 -7.69
CA ALA A 25 -3.03 2.61 -7.17
C ALA A 25 -2.47 1.23 -6.88
N PRO A 26 -1.61 1.14 -5.85
CA PRO A 26 -0.98 -0.14 -5.54
C PRO A 26 -1.99 -1.20 -5.13
N ALA A 27 -1.65 -2.46 -5.36
CA ALA A 27 -2.56 -3.57 -5.10
C ALA A 27 -1.75 -4.83 -4.86
N VAL A 28 -2.29 -5.72 -4.03
CA VAL A 28 -1.65 -7.02 -3.84
C VAL A 28 -1.95 -7.90 -5.04
N ASN A 29 -0.93 -8.58 -5.52
CA ASN A 29 -1.08 -9.65 -6.51
C ASN A 29 -0.50 -10.89 -5.89
N VAL A 30 -0.67 -12.04 -6.55
CA VAL A 30 -0.15 -13.28 -6.01
C VAL A 30 1.38 -13.26 -6.02
N GLY A 31 1.97 -13.33 -4.82
CA GLY A 31 3.41 -13.45 -4.67
C GLY A 31 4.17 -12.16 -4.90
N GLN A 32 3.45 -11.08 -5.21
CA GLN A 32 4.08 -9.78 -5.44
C GLN A 32 3.01 -8.70 -5.47
N ASN A 33 3.36 -7.49 -5.07
CA ASN A 33 2.39 -6.40 -5.01
C ASN A 33 2.74 -5.31 -6.00
N LEU A 34 1.75 -4.91 -6.80
CA LEU A 34 1.94 -3.85 -7.79
C LEU A 34 2.19 -2.53 -7.09
N VAL A 35 3.32 -1.91 -7.39
CA VAL A 35 3.59 -0.55 -6.93
C VAL A 35 3.15 0.44 -8.01
N VAL A 36 3.63 0.24 -9.24
CA VAL A 36 3.28 1.15 -10.33
C VAL A 36 3.56 0.56 -11.71
N ASP A 37 2.59 0.75 -12.60
CA ASP A 37 2.73 0.40 -14.01
C ASP A 37 3.06 1.65 -14.81
N LEU A 38 4.26 1.66 -15.42
CA LEU A 38 4.73 2.82 -16.15
C LEU A 38 4.50 2.69 -17.65
N SER A 39 3.86 1.59 -18.05
CA SER A 39 3.59 1.35 -19.46
C SER A 39 2.55 2.33 -20.02
N THR A 40 1.92 3.08 -19.13
CA THR A 40 0.98 4.14 -19.54
C THR A 40 1.59 5.51 -19.30
N GLN A 41 2.86 5.54 -18.88
CA GLN A 41 3.51 6.77 -18.46
C GLN A 41 4.70 7.16 -19.32
N ILE A 42 5.42 6.17 -19.84
CA ILE A 42 6.65 6.41 -20.60
C ILE A 42 6.60 5.74 -21.96
N PHE A 43 6.90 6.52 -22.99
CA PHE A 43 6.83 6.06 -24.37
C PHE A 43 8.11 6.39 -25.13
N CYS A 44 8.45 5.56 -26.12
CA CYS A 44 9.62 5.80 -26.95
C CYS A 44 9.33 5.41 -28.40
N HIS A 45 10.14 5.93 -29.32
CA HIS A 45 10.01 5.62 -30.73
C HIS A 45 11.36 5.58 -31.41
N ASN A 46 11.41 4.89 -32.55
CA ASN A 46 12.59 4.82 -33.40
C ASN A 46 12.46 5.91 -34.47
N ASP A 47 13.51 6.70 -34.65
CA ASP A 47 13.45 7.86 -35.54
C ASP A 47 13.75 7.51 -37.01
N TYR A 48 14.35 6.35 -37.24
CA TYR A 48 14.72 5.93 -38.59
C TYR A 48 14.55 4.42 -38.77
N PRO A 49 13.31 3.94 -38.58
CA PRO A 49 13.01 2.50 -38.51
C PRO A 49 13.25 1.73 -39.82
N GLU A 50 13.38 2.43 -40.95
CA GLU A 50 13.66 1.76 -42.22
C GLU A 50 15.11 1.32 -42.28
N THR A 51 15.96 2.04 -41.54
CA THR A 51 17.41 1.89 -41.66
C THR A 51 18.02 1.27 -40.42
N ILE A 52 17.42 1.56 -39.26
CA ILE A 52 18.02 1.25 -37.97
C ILE A 52 17.07 0.48 -37.07
N THR A 53 17.62 -0.48 -36.33
CA THR A 53 16.91 -1.16 -35.26
C THR A 53 17.43 -0.64 -33.93
N ASP A 54 16.53 -0.16 -33.09
CA ASP A 54 16.89 0.33 -31.77
C ASP A 54 16.68 -0.76 -30.72
N TYR A 55 17.58 -0.81 -29.75
CA TYR A 55 17.50 -1.78 -28.66
C TYR A 55 17.36 -1.05 -27.33
N VAL A 56 16.45 -1.50 -26.49
CA VAL A 56 16.22 -0.87 -25.19
C VAL A 56 16.20 -1.88 -24.04
N THR A 57 17.01 -1.58 -23.02
CA THR A 57 17.02 -2.38 -21.81
C THR A 57 16.75 -1.54 -20.58
N LEU A 58 16.46 -2.21 -19.48
CA LEU A 58 16.45 -1.61 -18.16
C LEU A 58 17.81 -1.94 -17.52
N GLN A 59 18.60 -0.90 -17.29
CA GLN A 59 19.99 -1.06 -16.85
C GLN A 59 20.07 -1.36 -15.36
N ARG A 60 21.15 -2.02 -14.95
CA ARG A 60 21.35 -2.31 -13.54
C ARG A 60 21.54 -1.00 -12.77
N GLY A 61 21.18 -1.01 -11.50
CA GLY A 61 21.18 0.20 -10.70
C GLY A 61 19.78 0.76 -10.54
N SER A 62 18.89 0.41 -11.47
CA SER A 62 17.49 0.82 -11.36
C SER A 62 16.92 0.28 -10.06
N ALA A 63 16.30 1.17 -9.29
CA ALA A 63 15.89 0.81 -7.93
C ALA A 63 14.81 1.73 -7.38
N TYR A 64 14.22 1.31 -6.26
CA TYR A 64 13.28 2.14 -5.53
C TYR A 64 14.02 3.29 -4.85
N GLY A 65 13.31 4.38 -4.63
CA GLY A 65 13.82 5.49 -3.84
C GLY A 65 12.89 5.75 -2.68
N GLY A 66 13.22 6.75 -1.87
CA GLY A 66 12.37 7.12 -0.75
C GLY A 66 12.16 5.99 0.23
N VAL A 67 10.96 5.92 0.79
CA VAL A 67 10.62 4.91 1.80
C VAL A 67 10.67 3.48 1.24
N LEU A 68 10.47 3.35 -0.07
CA LEU A 68 10.43 2.04 -0.71
C LEU A 68 11.83 1.46 -0.96
N SER A 69 12.86 2.26 -0.73
CA SER A 69 14.21 1.90 -1.18
C SER A 69 14.78 0.67 -0.49
N SER A 70 14.26 0.35 0.69
CA SER A 70 14.73 -0.82 1.42
C SER A 70 14.05 -2.11 0.97
N PHE A 71 13.03 -1.98 0.12
CA PHE A 71 12.22 -3.12 -0.27
C PHE A 71 12.73 -3.80 -1.53
N SER A 72 12.85 -5.12 -1.46
CA SER A 72 13.14 -5.91 -2.64
C SER A 72 11.85 -6.16 -3.40
N GLY A 73 11.96 -6.51 -4.67
CA GLY A 73 10.80 -6.71 -5.49
C GLY A 73 11.14 -7.33 -6.83
N THR A 74 10.24 -7.17 -7.78
CA THR A 74 10.47 -7.59 -9.15
C THR A 74 9.99 -6.50 -10.09
N VAL A 75 10.56 -6.50 -11.29
CA VAL A 75 10.08 -5.64 -12.36
C VAL A 75 9.62 -6.52 -13.50
N LYS A 76 8.41 -6.26 -13.98
N LYS A 76 8.44 -6.22 -14.04
CA LYS A 76 7.92 -6.87 -15.21
CA LYS A 76 7.92 -6.91 -15.21
C LYS A 76 8.38 -6.01 -16.37
C LYS A 76 8.24 -6.12 -16.47
N TYR A 77 9.26 -6.57 -17.21
CA TYR A 77 9.73 -5.88 -18.40
C TYR A 77 9.27 -6.59 -19.65
N ASN A 78 8.36 -5.95 -20.38
CA ASN A 78 7.75 -6.53 -21.57
C ASN A 78 7.22 -7.94 -21.32
N GLY A 79 6.62 -8.13 -20.14
CA GLY A 79 5.95 -9.38 -19.82
C GLY A 79 6.69 -10.32 -18.88
N SER A 80 8.01 -10.23 -18.88
CA SER A 80 8.83 -11.13 -18.08
C SER A 80 9.29 -10.46 -16.79
N SER A 81 9.37 -11.24 -15.72
CA SER A 81 9.75 -10.73 -14.40
C SER A 81 11.25 -10.84 -14.17
N TYR A 82 11.82 -9.79 -13.57
CA TYR A 82 13.25 -9.75 -13.26
C TYR A 82 13.43 -9.18 -11.86
N PRO A 83 14.53 -9.53 -11.17
CA PRO A 83 14.75 -9.00 -9.82
C PRO A 83 14.80 -7.47 -9.78
N PHE A 84 14.25 -6.88 -8.73
CA PHE A 84 14.29 -5.43 -8.54
C PHE A 84 14.73 -5.16 -7.11
N PRO A 85 15.72 -4.26 -6.91
CA PRO A 85 16.40 -3.44 -7.92
C PRO A 85 17.24 -4.28 -8.87
N THR A 86 17.39 -3.81 -10.09
CA THR A 86 18.09 -4.57 -11.10
C THR A 86 19.58 -4.65 -10.80
N THR A 87 20.09 -5.87 -10.75
CA THR A 87 21.50 -6.12 -10.48
C THR A 87 22.19 -6.52 -11.77
N SER A 88 21.39 -6.83 -12.79
CA SER A 88 21.91 -7.05 -14.14
C SER A 88 20.92 -6.50 -15.16
N GLU A 89 21.47 -5.98 -16.25
CA GLU A 89 20.70 -5.46 -17.36
C GLU A 89 19.70 -6.50 -17.88
N THR A 90 18.47 -6.05 -18.13
CA THR A 90 17.45 -6.91 -18.73
C THR A 90 17.80 -7.26 -20.18
N PRO A 91 17.06 -8.21 -20.77
CA PRO A 91 17.14 -8.42 -22.22
C PRO A 91 16.74 -7.16 -22.99
N ARG A 92 17.07 -7.12 -24.27
CA ARG A 92 16.75 -5.98 -25.11
C ARG A 92 15.35 -6.08 -25.71
N VAL A 93 14.66 -4.94 -25.74
CA VAL A 93 13.38 -4.81 -26.45
C VAL A 93 13.61 -3.97 -27.70
N VAL A 94 13.12 -4.46 -28.83
CA VAL A 94 13.28 -3.78 -30.11
C VAL A 94 12.29 -2.63 -30.24
N TYR A 95 12.79 -1.52 -30.77
CA TYR A 95 11.93 -0.41 -31.19
C TYR A 95 12.16 -0.18 -32.67
N ASN A 96 11.07 -0.26 -33.45
CA ASN A 96 11.15 -0.26 -34.89
C ASN A 96 10.04 0.55 -35.56
N SER A 97 9.51 1.54 -34.85
CA SER A 97 8.48 2.42 -35.41
C SER A 97 8.62 3.86 -34.94
N ARG A 98 8.25 4.79 -35.81
CA ARG A 98 8.20 6.21 -35.46
C ARG A 98 7.04 6.49 -34.51
N THR A 99 6.10 5.56 -34.45
CA THR A 99 4.98 5.70 -33.53
C THR A 99 5.45 5.43 -32.11
N ASP A 100 5.13 6.34 -31.20
CA ASP A 100 5.49 6.17 -29.81
C ASP A 100 4.79 4.93 -29.25
N LYS A 101 5.56 4.04 -28.66
CA LYS A 101 5.02 2.83 -28.05
C LYS A 101 5.50 2.79 -26.60
N PRO A 102 4.73 2.13 -25.72
CA PRO A 102 5.10 2.13 -24.31
C PRO A 102 6.46 1.53 -24.01
N TRP A 103 7.09 2.03 -22.94
CA TRP A 103 8.22 1.35 -22.33
C TRP A 103 7.63 0.40 -21.29
N PRO A 104 7.60 -0.90 -21.61
CA PRO A 104 6.77 -1.82 -20.83
C PRO A 104 7.36 -2.17 -19.45
N VAL A 105 7.33 -1.23 -18.52
CA VAL A 105 7.87 -1.45 -17.18
C VAL A 105 6.79 -1.32 -16.11
N ALA A 106 6.73 -2.32 -15.24
CA ALA A 106 5.86 -2.29 -14.06
C ALA A 106 6.67 -2.75 -12.86
N LEU A 107 6.53 -2.03 -11.76
CA LEU A 107 7.32 -2.29 -10.57
C LEU A 107 6.50 -2.97 -9.48
N TYR A 108 7.06 -4.03 -8.91
CA TYR A 108 6.40 -4.78 -7.87
C TYR A 108 7.26 -4.85 -6.62
N LEU A 109 6.61 -5.13 -5.50
CA LEU A 109 7.26 -5.22 -4.21
C LEU A 109 7.02 -6.63 -3.65
N THR A 110 8.05 -7.20 -3.04
CA THR A 110 7.95 -8.55 -2.51
C THR A 110 7.31 -8.51 -1.13
N PRO A 111 6.23 -9.30 -0.92
CA PRO A 111 5.58 -9.23 0.39
C PRO A 111 6.48 -9.64 1.54
N VAL A 112 6.45 -8.85 2.61
CA VAL A 112 7.26 -9.09 3.79
C VAL A 112 6.40 -9.13 5.06
N SER A 113 5.11 -8.83 4.91
CA SER A 113 4.18 -8.84 6.03
C SER A 113 2.94 -9.65 5.68
N SER A 114 1.93 -9.59 6.55
CA SER A 114 0.65 -10.24 6.28
C SER A 114 -0.29 -9.28 5.59
N ALA A 115 -0.58 -8.16 6.25
CA ALA A 115 -1.46 -7.13 5.68
C ALA A 115 -0.92 -5.73 5.96
N GLY A 116 0.40 -5.62 6.09
CA GLY A 116 1.02 -4.34 6.40
C GLY A 116 1.01 -3.41 5.21
N GLY A 117 1.42 -2.17 5.44
CA GLY A 117 1.51 -1.17 4.40
C GLY A 117 2.56 -0.13 4.73
N VAL A 118 2.96 0.64 3.71
CA VAL A 118 3.89 1.74 3.88
C VAL A 118 3.33 2.98 3.20
N ALA A 119 3.31 4.09 3.94
CA ALA A 119 2.70 5.33 3.45
C ALA A 119 3.60 6.04 2.43
N ILE A 120 3.01 6.42 1.29
CA ILE A 120 3.69 7.21 0.27
C ILE A 120 3.09 8.60 0.21
N LYS A 121 3.88 9.61 0.56
CA LYS A 121 3.45 11.00 0.46
C LYS A 121 3.46 11.46 -0.99
N ALA A 122 2.47 12.27 -1.36
CA ALA A 122 2.45 12.86 -2.70
C ALA A 122 3.67 13.74 -2.90
N GLY A 123 4.27 13.64 -4.09
CA GLY A 123 5.43 14.44 -4.42
C GLY A 123 6.76 13.80 -4.07
N SER A 124 6.70 12.63 -3.43
CA SER A 124 7.92 11.95 -3.02
C SER A 124 8.43 10.98 -4.09
N LEU A 125 9.74 10.79 -4.12
CA LEU A 125 10.39 9.90 -5.07
C LEU A 125 10.14 8.44 -4.69
N ILE A 126 9.70 7.64 -5.64
CA ILE A 126 9.47 6.22 -5.40
C ILE A 126 10.47 5.32 -6.14
N ALA A 127 10.98 5.79 -7.28
CA ALA A 127 11.94 5.00 -8.03
C ALA A 127 12.77 5.83 -9.01
N VAL A 128 13.95 5.32 -9.34
CA VAL A 128 14.77 5.86 -10.41
C VAL A 128 15.08 4.73 -11.38
N LEU A 129 14.68 4.91 -12.63
CA LEU A 129 14.83 3.87 -13.65
C LEU A 129 15.76 4.33 -14.76
N ILE A 130 16.71 3.47 -15.11
CA ILE A 130 17.68 3.77 -16.14
C ILE A 130 17.37 2.96 -17.40
N LEU A 131 16.86 3.66 -18.40
CA LEU A 131 16.63 3.07 -19.70
C LEU A 131 17.90 3.21 -20.52
N ARG A 132 18.38 2.11 -21.09
CA ARG A 132 19.57 2.12 -21.92
C ARG A 132 19.23 1.81 -23.37
N GLN A 133 19.55 2.75 -24.26
CA GLN A 133 19.25 2.59 -25.67
C GLN A 133 20.51 2.41 -26.51
N THR A 134 20.54 1.33 -27.28
CA THR A 134 21.59 1.10 -28.27
C THR A 134 20.94 0.86 -29.62
N ASN A 135 21.72 0.44 -30.61
CA ASN A 135 21.18 0.12 -31.92
C ASN A 135 22.10 -0.80 -32.72
N ASN A 136 21.71 -1.11 -33.95
CA ASN A 136 22.50 -1.95 -34.83
C ASN A 136 23.12 -1.13 -35.96
N TYR A 137 23.39 0.14 -35.66
CA TYR A 137 23.78 1.11 -36.68
C TYR A 137 25.18 1.65 -36.40
N ASN A 138 25.39 2.09 -35.16
CA ASN A 138 26.69 2.59 -34.73
C ASN A 138 26.92 2.18 -33.27
N SER A 139 27.73 2.93 -32.54
CA SER A 139 28.02 2.59 -31.16
C SER A 139 27.30 3.49 -30.17
N ASP A 140 26.21 4.12 -30.62
CA ASP A 140 25.35 4.91 -29.74
C ASP A 140 24.95 4.08 -28.53
N ASP A 141 25.07 4.69 -27.36
CA ASP A 141 24.83 4.01 -26.09
C ASP A 141 24.33 5.06 -25.11
N PHE A 142 23.01 5.22 -25.05
CA PHE A 142 22.40 6.38 -24.40
C PHE A 142 21.57 6.01 -23.18
N GLN A 143 21.69 6.83 -22.14
CA GLN A 143 20.94 6.64 -20.90
C GLN A 143 19.77 7.62 -20.79
N PHE A 144 18.58 7.08 -20.67
CA PHE A 144 17.37 7.86 -20.40
C PHE A 144 16.94 7.57 -18.97
N VAL A 145 17.12 8.55 -18.09
CA VAL A 145 16.87 8.35 -16.67
C VAL A 145 15.52 8.91 -16.26
N TRP A 146 14.68 8.05 -15.70
CA TRP A 146 13.34 8.44 -15.29
C TRP A 146 13.20 8.43 -13.79
N ASN A 147 13.00 9.62 -13.21
CA ASN A 147 12.74 9.75 -11.79
C ASN A 147 11.24 9.70 -11.55
N ILE A 148 10.79 8.61 -10.92
CA ILE A 148 9.37 8.37 -10.71
C ILE A 148 8.90 8.94 -9.37
N TYR A 149 7.93 9.85 -9.43
CA TYR A 149 7.38 10.49 -8.24
C TYR A 149 5.90 10.15 -8.04
N ALA A 150 5.52 9.95 -6.79
CA ALA A 150 4.12 9.78 -6.44
C ALA A 150 3.38 11.09 -6.67
N ASN A 151 2.26 11.03 -7.38
CA ASN A 151 1.45 12.22 -7.61
C ASN A 151 0.31 12.32 -6.60
N ASN A 152 0.23 11.34 -5.72
CA ASN A 152 -0.84 11.27 -4.74
C ASN A 152 -0.46 10.52 -3.48
N ASP A 153 -1.25 10.68 -2.43
CA ASP A 153 -1.05 9.94 -1.18
C ASP A 153 -1.71 8.58 -1.26
N VAL A 154 -0.90 7.55 -1.08
CA VAL A 154 -1.37 6.17 -1.07
C VAL A 154 -0.57 5.40 -0.02
N VAL A 155 -1.04 4.23 0.36
CA VAL A 155 -0.20 3.30 1.10
C VAL A 155 -0.02 2.07 0.23
N VAL A 156 1.24 1.64 0.11
CA VAL A 156 1.59 0.47 -0.67
C VAL A 156 1.52 -0.76 0.21
N PRO A 157 0.71 -1.75 -0.17
CA PRO A 157 0.62 -2.94 0.69
C PRO A 157 1.92 -3.73 0.66
N THR A 158 2.34 -4.25 1.81
CA THR A 158 3.61 -4.97 1.93
C THR A 158 3.39 -6.44 2.28
N GLY A 159 2.14 -6.86 2.32
CA GLY A 159 1.80 -8.22 2.68
C GLY A 159 1.09 -8.98 1.59
N GLY A 160 0.55 -10.15 1.94
CA GLY A 160 -0.19 -10.97 1.00
C GLY A 160 -1.66 -10.64 1.01
N CYS A 161 -2.05 -9.76 1.93
CA CYS A 161 -3.45 -9.42 2.13
C CYS A 161 -3.62 -7.90 2.24
N ASP A 162 -4.83 -7.42 2.00
CA ASP A 162 -5.10 -5.99 2.07
C ASP A 162 -6.45 -5.78 2.73
N VAL A 163 -6.67 -4.56 3.21
CA VAL A 163 -7.84 -4.26 4.04
C VAL A 163 -8.75 -3.24 3.37
N SER A 164 -10.01 -3.21 3.79
CA SER A 164 -10.99 -2.30 3.21
C SER A 164 -10.66 -0.85 3.53
N ALA A 165 -9.94 -0.64 4.63
CA ALA A 165 -9.54 0.70 5.04
C ALA A 165 -8.39 0.62 6.04
N ARG A 166 -7.50 1.60 6.00
CA ARG A 166 -6.38 1.67 6.92
C ARG A 166 -6.76 2.45 8.18
N ASP A 167 -7.72 3.34 8.03
CA ASP A 167 -8.27 4.11 9.16
C ASP A 167 -9.79 4.03 9.13
N VAL A 168 -10.37 3.66 10.26
CA VAL A 168 -11.82 3.55 10.37
C VAL A 168 -12.30 4.31 11.59
N THR A 169 -13.36 5.09 11.41
CA THR A 169 -14.02 5.77 12.51
C THR A 169 -15.47 5.31 12.58
N VAL A 170 -15.89 4.93 13.78
CA VAL A 170 -17.28 4.63 14.05
C VAL A 170 -17.79 5.53 15.17
N THR A 171 -19.10 5.68 15.23
CA THR A 171 -19.74 6.49 16.26
C THR A 171 -20.78 5.66 16.99
N LEU A 172 -20.54 5.45 18.28
CA LEU A 172 -21.48 4.73 19.11
C LEU A 172 -22.77 5.50 19.24
N PRO A 173 -23.90 4.79 19.42
CA PRO A 173 -25.07 5.51 19.93
C PRO A 173 -24.74 6.10 21.28
N ASP A 174 -25.48 7.12 21.72
CA ASP A 174 -25.29 7.62 23.07
C ASP A 174 -25.40 6.45 24.05
N TYR A 175 -24.54 6.46 25.06
CA TYR A 175 -24.48 5.37 26.03
C TYR A 175 -25.85 5.08 26.64
N PRO A 176 -26.20 3.78 26.77
CA PRO A 176 -25.45 2.59 26.34
C PRO A 176 -25.77 2.25 24.89
N GLY A 177 -24.91 1.48 24.25
CA GLY A 177 -25.16 1.04 22.89
C GLY A 177 -23.94 0.43 22.24
N SER A 178 -24.11 0.03 20.99
CA SER A 178 -23.06 -0.62 20.25
C SER A 178 -23.14 -0.21 18.78
N VAL A 179 -22.05 -0.41 18.05
CA VAL A 179 -22.04 -0.11 16.62
C VAL A 179 -21.11 -1.08 15.88
N PRO A 180 -21.56 -1.58 14.71
CA PRO A 180 -20.65 -2.42 13.93
C PRO A 180 -19.44 -1.63 13.43
N ILE A 181 -18.30 -2.30 13.35
CA ILE A 181 -17.11 -1.73 12.75
C ILE A 181 -16.94 -2.29 11.35
N PRO A 182 -17.14 -1.47 10.31
CA PRO A 182 -16.92 -2.00 8.97
C PRO A 182 -15.43 -2.20 8.71
N LEU A 183 -15.00 -3.46 8.66
CA LEU A 183 -13.61 -3.77 8.40
C LEU A 183 -13.48 -5.17 7.82
N THR A 184 -12.96 -5.25 6.60
CA THR A 184 -12.81 -6.51 5.91
C THR A 184 -11.39 -6.67 5.42
N VAL A 185 -11.03 -7.91 5.09
CA VAL A 185 -9.69 -8.23 4.61
C VAL A 185 -9.77 -9.30 3.53
N TYR A 186 -8.85 -9.24 2.57
CA TYR A 186 -8.75 -10.29 1.55
C TYR A 186 -7.29 -10.53 1.23
N CYS A 187 -7.00 -11.71 0.67
CA CYS A 187 -5.64 -12.08 0.31
C CYS A 187 -5.57 -12.45 -1.17
N ALA A 188 -4.45 -12.13 -1.81
CA ALA A 188 -4.25 -12.40 -3.23
C ALA A 188 -4.39 -13.90 -3.51
N LYS A 189 -3.87 -14.70 -2.58
CA LYS A 189 -4.11 -16.13 -2.56
C LYS A 189 -4.43 -16.54 -1.13
N SER A 190 -4.86 -17.78 -0.93
CA SER A 190 -5.31 -18.23 0.38
C SER A 190 -4.19 -18.13 1.42
N GLN A 191 -4.47 -17.42 2.50
CA GLN A 191 -3.57 -17.34 3.65
C GLN A 191 -4.31 -17.75 4.91
N ASN A 192 -3.60 -18.36 5.84
CA ASN A 192 -4.16 -18.62 7.16
C ASN A 192 -3.94 -17.38 8.00
N LEU A 193 -4.99 -16.58 8.12
CA LEU A 193 -4.88 -15.23 8.63
C LEU A 193 -5.47 -15.07 10.01
N GLY A 194 -4.77 -14.32 10.85
CA GLY A 194 -5.28 -13.94 12.16
C GLY A 194 -4.98 -12.48 12.40
N TYR A 195 -5.45 -11.95 13.52
CA TYR A 195 -5.20 -10.56 13.86
C TYR A 195 -5.28 -10.38 15.37
N TYR A 196 -4.65 -9.31 15.87
CA TYR A 196 -4.78 -8.96 17.27
C TYR A 196 -4.95 -7.46 17.44
N LEU A 197 -5.63 -7.07 18.51
CA LEU A 197 -5.85 -5.68 18.84
C LEU A 197 -4.73 -5.14 19.70
N SER A 198 -4.48 -3.84 19.59
CA SER A 198 -3.53 -3.17 20.48
C SER A 198 -4.09 -1.82 20.88
N GLY A 199 -3.79 -1.42 22.12
CA GLY A 199 -4.29 -0.17 22.66
C GLY A 199 -4.16 -0.14 24.17
N THR A 200 -4.51 1.00 24.76
CA THR A 200 -4.44 1.17 26.20
C THR A 200 -5.72 0.65 26.84
N THR A 201 -5.58 -0.28 27.77
CA THR A 201 -6.73 -0.91 28.41
C THR A 201 -6.84 -0.53 29.88
N ALA A 202 -8.06 -0.60 30.41
CA ALA A 202 -8.34 -0.13 31.76
C ALA A 202 -8.46 -1.27 32.76
N ASP A 203 -8.79 -2.47 32.29
CA ASP A 203 -9.11 -3.58 33.17
C ASP A 203 -8.01 -4.62 33.27
N ALA A 204 -8.17 -5.54 34.22
CA ALA A 204 -7.26 -6.66 34.41
C ALA A 204 -7.26 -7.57 33.18
N GLY A 205 -8.45 -7.81 32.65
CA GLY A 205 -8.61 -8.69 31.50
C GLY A 205 -8.13 -8.12 30.17
N ASN A 206 -7.58 -6.92 30.20
CA ASN A 206 -7.09 -6.24 28.99
C ASN A 206 -8.13 -6.25 27.86
N SER A 207 -9.39 -6.02 28.21
CA SER A 207 -10.48 -6.17 27.25
C SER A 207 -11.29 -4.90 27.08
N ILE A 208 -11.07 -3.93 27.96
CA ILE A 208 -11.74 -2.63 27.84
C ILE A 208 -10.70 -1.55 27.58
N PHE A 209 -10.80 -0.94 26.41
CA PHE A 209 -9.89 0.14 26.04
C PHE A 209 -10.29 1.44 26.72
N THR A 210 -9.28 2.12 27.24
CA THR A 210 -9.48 3.33 28.04
C THR A 210 -10.13 4.43 27.23
N ASN A 211 -10.93 5.26 27.90
CA ASN A 211 -11.45 6.48 27.31
C ASN A 211 -10.38 7.56 27.34
N THR A 212 -9.89 7.95 26.16
CA THR A 212 -8.83 8.95 26.05
C THR A 212 -9.31 10.24 25.41
N ALA A 213 -10.63 10.45 25.37
CA ALA A 213 -11.18 11.72 24.91
C ALA A 213 -10.57 12.85 25.71
N SER A 214 -9.91 13.78 25.01
CA SER A 214 -9.13 14.81 25.69
C SER A 214 -10.02 15.94 26.24
N PHE A 215 -11.11 16.22 25.54
CA PHE A 215 -12.00 17.31 25.92
C PHE A 215 -13.31 16.82 26.53
N SER A 216 -13.58 17.25 27.75
CA SER A 216 -14.82 16.94 28.45
C SER A 216 -15.13 15.44 28.45
N PRO A 217 -14.18 14.62 28.93
CA PRO A 217 -14.38 13.17 28.89
C PRO A 217 -15.39 12.65 29.91
N ALA A 218 -16.12 11.61 29.52
CA ALA A 218 -16.96 10.86 30.45
C ALA A 218 -16.06 10.11 31.42
N GLN A 219 -16.61 9.76 32.58
CA GLN A 219 -15.93 8.91 33.54
C GLN A 219 -16.65 7.58 33.63
N GLY A 220 -15.93 6.52 33.99
CA GLY A 220 -16.54 5.24 34.31
C GLY A 220 -16.82 4.31 33.15
N VAL A 221 -16.52 4.74 31.91
CA VAL A 221 -16.70 3.87 30.76
C VAL A 221 -15.45 3.77 29.89
N GLY A 222 -15.31 2.63 29.21
CA GLY A 222 -14.30 2.43 28.19
C GLY A 222 -14.96 1.81 26.98
N VAL A 223 -14.16 1.43 25.98
CA VAL A 223 -14.67 0.77 24.78
C VAL A 223 -14.24 -0.68 24.74
N GLN A 224 -15.19 -1.56 24.49
CA GLN A 224 -14.95 -3.00 24.45
C GLN A 224 -15.43 -3.55 23.10
N LEU A 225 -14.56 -4.30 22.42
CA LEU A 225 -14.90 -4.87 21.13
C LEU A 225 -15.36 -6.32 21.27
N THR A 226 -16.43 -6.64 20.56
CA THR A 226 -16.94 -8.00 20.53
C THR A 226 -17.02 -8.50 19.10
N ARG A 227 -16.92 -9.82 18.96
CA ARG A 227 -17.08 -10.50 17.69
C ARG A 227 -18.22 -11.51 17.83
N ASN A 228 -19.41 -11.09 17.42
CA ASN A 228 -20.62 -11.88 17.61
C ASN A 228 -20.78 -12.30 19.07
N GLY A 229 -20.48 -11.39 19.98
CA GLY A 229 -20.66 -11.63 21.41
C GLY A 229 -19.41 -12.05 22.15
N THR A 230 -18.38 -12.48 21.43
CA THR A 230 -17.12 -12.87 22.07
C THR A 230 -16.27 -11.62 22.31
N ILE A 231 -15.88 -11.41 23.57
CA ILE A 231 -15.03 -10.27 23.90
C ILE A 231 -13.64 -10.49 23.36
N ILE A 232 -13.13 -9.50 22.63
CA ILE A 232 -11.79 -9.55 22.06
C ILE A 232 -10.83 -8.68 22.87
N PRO A 233 -10.02 -9.31 23.74
CA PRO A 233 -9.04 -8.50 24.48
C PRO A 233 -7.86 -8.10 23.60
N ALA A 234 -7.02 -7.21 24.11
CA ALA A 234 -5.84 -6.77 23.37
C ALA A 234 -4.76 -7.83 23.37
N ASN A 235 -3.94 -7.81 22.32
CA ASN A 235 -2.79 -8.70 22.22
C ASN A 235 -3.18 -10.16 22.38
N ASN A 236 -4.32 -10.51 21.82
CA ASN A 236 -4.80 -11.89 21.79
C ASN A 236 -5.20 -12.21 20.35
N THR A 237 -4.48 -13.11 19.69
CA THR A 237 -4.69 -13.34 18.27
C THR A 237 -6.02 -14.06 18.00
N VAL A 238 -6.81 -13.47 17.11
CA VAL A 238 -8.05 -14.04 16.63
C VAL A 238 -7.83 -14.66 15.27
N SER A 239 -8.29 -15.90 15.08
CA SER A 239 -8.14 -16.58 13.80
C SER A 239 -9.30 -16.26 12.87
N LEU A 240 -8.98 -15.94 11.61
CA LEU A 240 -9.98 -15.77 10.57
C LEU A 240 -10.04 -16.99 9.67
N GLY A 241 -9.21 -17.99 9.97
CA GLY A 241 -9.11 -19.19 9.15
C GLY A 241 -8.43 -18.86 7.83
N ALA A 242 -8.84 -19.54 6.77
CA ALA A 242 -8.28 -19.29 5.45
C ALA A 242 -8.99 -18.10 4.80
N VAL A 243 -8.20 -17.14 4.34
CA VAL A 243 -8.73 -15.95 3.69
C VAL A 243 -8.16 -15.85 2.29
N GLY A 244 -9.06 -15.80 1.31
CA GLY A 244 -8.67 -15.73 -0.09
C GLY A 244 -9.06 -14.41 -0.72
N THR A 245 -9.39 -14.48 -2.01
CA THR A 245 -9.69 -13.29 -2.80
C THR A 245 -11.03 -12.64 -2.43
N SER A 246 -11.92 -13.42 -1.84
CA SER A 246 -13.20 -12.89 -1.36
C SER A 246 -13.01 -12.25 0.00
N ALA A 247 -13.44 -11.00 0.13
CA ALA A 247 -13.28 -10.25 1.37
C ALA A 247 -13.96 -10.96 2.54
N VAL A 248 -13.29 -10.94 3.69
CA VAL A 248 -13.80 -11.53 4.92
C VAL A 248 -13.91 -10.44 5.98
N SER A 249 -15.09 -10.31 6.58
CA SER A 249 -15.30 -9.34 7.64
C SER A 249 -14.68 -9.83 8.94
N LEU A 250 -14.01 -8.93 9.66
CA LEU A 250 -13.46 -9.26 10.96
C LEU A 250 -14.57 -9.45 11.99
N GLY A 251 -15.76 -8.96 11.66
CA GLY A 251 -16.94 -9.20 12.49
C GLY A 251 -16.97 -8.41 13.78
N LEU A 252 -16.26 -7.28 13.81
CA LEU A 252 -16.09 -6.53 15.05
C LEU A 252 -17.22 -5.56 15.33
N THR A 253 -17.60 -5.48 16.60
CA THR A 253 -18.59 -4.53 17.10
C THR A 253 -18.01 -3.77 18.28
N ALA A 254 -18.19 -2.46 18.29
CA ALA A 254 -17.77 -1.63 19.41
C ALA A 254 -18.90 -1.45 20.42
N ASN A 255 -18.56 -1.53 21.70
CA ASN A 255 -19.51 -1.34 22.79
C ASN A 255 -18.96 -0.41 23.86
N TYR A 256 -19.83 0.21 24.65
CA TYR A 256 -19.40 0.80 25.91
C TYR A 256 -19.25 -0.31 26.93
N ALA A 257 -18.30 -0.17 27.84
CA ALA A 257 -18.15 -1.09 28.96
C ALA A 257 -17.76 -0.33 30.22
N ARG A 258 -18.43 -0.66 31.33
CA ARG A 258 -18.10 -0.05 32.63
C ARG A 258 -16.66 -0.35 32.98
N THR A 259 -15.96 0.66 33.49
CA THR A 259 -14.57 0.49 33.91
C THR A 259 -14.42 0.67 35.41
N GLY A 260 -15.47 1.17 36.05
CA GLY A 260 -15.48 1.36 37.49
C GLY A 260 -15.85 2.77 37.91
N GLY A 261 -16.65 2.87 38.96
CA GLY A 261 -17.06 4.15 39.50
C GLY A 261 -18.27 4.73 38.79
N GLN A 262 -18.74 5.88 39.28
CA GLN A 262 -19.90 6.54 38.69
C GLN A 262 -19.66 6.87 37.22
N VAL A 263 -20.64 6.54 36.39
CA VAL A 263 -20.61 6.93 34.99
C VAL A 263 -21.12 8.36 34.87
N THR A 264 -20.29 9.23 34.31
CA THR A 264 -20.62 10.65 34.20
C THR A 264 -20.71 11.08 32.75
N ALA A 265 -21.45 12.15 32.50
CA ALA A 265 -21.61 12.67 31.14
C ALA A 265 -20.26 13.11 30.59
N GLY A 266 -20.14 13.09 29.26
CA GLY A 266 -18.93 13.53 28.61
C GLY A 266 -18.63 12.71 27.36
N ASN A 267 -17.56 13.08 26.67
CA ASN A 267 -17.16 12.40 25.45
C ASN A 267 -16.43 11.10 25.75
N VAL A 268 -16.54 10.16 24.82
CA VAL A 268 -15.82 8.89 24.91
C VAL A 268 -15.02 8.70 23.65
N GLN A 269 -13.76 8.29 23.78
CA GLN A 269 -12.96 7.95 22.61
C GLN A 269 -11.89 6.92 22.95
N SER A 270 -11.74 5.95 22.05
CA SER A 270 -10.68 4.95 22.14
C SER A 270 -10.04 4.74 20.78
N ILE A 271 -8.70 4.72 20.76
CA ILE A 271 -7.96 4.39 19.55
C ILE A 271 -7.44 2.97 19.66
N ILE A 272 -7.83 2.13 18.70
CA ILE A 272 -7.53 0.70 18.74
C ILE A 272 -6.85 0.26 17.46
N GLY A 273 -5.68 -0.34 17.59
CA GLY A 273 -4.94 -0.83 16.44
C GLY A 273 -5.31 -2.25 16.09
N VAL A 274 -5.24 -2.59 14.80
CA VAL A 274 -5.41 -3.95 14.34
C VAL A 274 -4.19 -4.36 13.52
N THR A 275 -3.62 -5.50 13.88
CA THR A 275 -2.42 -6.02 13.22
C THR A 275 -2.65 -7.47 12.81
N PHE A 276 -2.41 -7.77 11.55
CA PHE A 276 -2.65 -9.12 11.03
C PHE A 276 -1.39 -9.99 11.08
N VAL A 277 -1.60 -11.29 11.25
CA VAL A 277 -0.52 -12.26 11.28
C VAL A 277 -0.88 -13.49 10.45
N TYR A 278 0.13 -14.25 10.07
CA TYR A 278 -0.09 -15.55 9.46
C TYR A 278 -0.06 -16.62 10.56
N GLN A 279 -0.83 -17.69 10.35
CA GLN A 279 -0.91 -18.78 11.32
C GLN A 279 -0.52 -20.11 10.69
N ALA B 1 0.51 -0.57 13.84
CA ALA B 1 -0.69 -1.37 13.47
C ALA B 1 -0.97 -1.30 11.97
N ASP B 2 -1.66 -2.32 11.44
CA ASP B 2 -2.04 -2.34 10.04
C ASP B 2 -3.27 -1.46 9.81
N VAL B 3 -4.14 -1.41 10.81
CA VAL B 3 -5.34 -0.59 10.78
C VAL B 3 -5.53 0.13 12.11
N THR B 4 -6.03 1.36 12.04
CA THR B 4 -6.37 2.14 13.23
C THR B 4 -7.86 2.42 13.29
N ILE B 5 -8.51 1.89 14.32
CA ILE B 5 -9.93 2.12 14.58
C ILE B 5 -10.09 3.24 15.59
N THR B 6 -10.88 4.26 15.24
CA THR B 6 -11.25 5.31 16.17
C THR B 6 -12.72 5.15 16.56
N VAL B 7 -12.95 4.87 17.84
CA VAL B 7 -14.31 4.71 18.36
C VAL B 7 -14.70 5.96 19.14
N ASN B 8 -15.70 6.69 18.64
CA ASN B 8 -16.25 7.84 19.35
C ASN B 8 -17.63 7.53 19.92
N GLY B 9 -17.90 8.09 21.09
CA GLY B 9 -19.19 7.98 21.74
C GLY B 9 -19.39 9.12 22.71
N LYS B 10 -20.55 9.17 23.35
CA LYS B 10 -20.76 10.14 24.43
C LYS B 10 -21.81 9.66 25.41
N VAL B 11 -21.63 10.06 26.66
CA VAL B 11 -22.59 9.81 27.72
C VAL B 11 -23.40 11.09 27.92
N VAL B 12 -24.71 11.01 27.70
CA VAL B 12 -25.58 12.17 27.90
C VAL B 12 -26.36 12.00 29.20
N ALA B 13 -26.37 13.07 29.99
CA ALA B 13 -27.03 13.06 31.29
C ALA B 13 -28.54 13.12 31.15
N LYS B 14 -29.24 12.51 32.09
CA LYS B 14 -30.69 12.70 32.21
C LYS B 14 -31.16 12.29 33.60
#